data_1JX6
#
_entry.id   1JX6
#
_cell.length_a   44.268
_cell.length_b   77.467
_cell.length_c   52.008
_cell.angle_alpha   90.00
_cell.angle_beta   96.37
_cell.angle_gamma   90.00
#
_symmetry.space_group_name_H-M   'P 1 21 1'
#
loop_
_entity.id
_entity.type
_entity.pdbx_description
1 polymer 'LUXP PROTEIN'
2 non-polymer 'CALCIUM ION'
3 non-polymer 3A-METHYL-5,6-DIHYDRO-FURO[2,3-D][1,3,2]DIOXABOROLE-2,2,6,6A-TETRAOL
4 water water
#
_entity_poly.entity_id   1
_entity_poly.type   'polypeptide(L)'
_entity_poly.pdbx_seq_one_letter_code
;VLNGYWGYQEFLDEFPEQRNLTNALSEAVRAQPVPLSKPTQRPIKISVVYPGQQVSDYWVRNIASFEKRLYKLNINYQLN
QVFTRPNADIKQQSLSLMEALKSKSDYLIFTLDTTRHRKFVEHVLDSTNTKLILQNITTPVREWDKHQPFLYVGFDHAEG
SRELATEFGKFFPKHTYYSVLYFSEGYISDVRGDTFIHQVNRDNNFELQSAYYTKATKQSGYDAAKASLAKHPDVDFIYA
CSTDVALGAVDALAELGREDIMINGWGGGSAELDAIQKGDLDITVMRMNDDTGIAMAEAIKWDLEDKPVPTVYSGDFEIV
TKADSPERIEALKKRAFRYSDN
;
_entity_poly.pdbx_strand_id   A
#
# COMPACT_ATOMS: atom_id res chain seq x y z
N GLY A 4 8.72 -8.63 14.78
CA GLY A 4 7.35 -8.20 15.19
C GLY A 4 6.28 -8.57 14.18
N TYR A 5 6.70 -8.77 12.94
CA TYR A 5 5.76 -9.13 11.88
C TYR A 5 6.14 -10.40 11.14
N TRP A 6 5.14 -11.07 10.61
CA TRP A 6 5.33 -12.27 9.81
C TRP A 6 5.56 -11.78 8.39
N GLY A 7 6.47 -12.42 7.67
CA GLY A 7 6.66 -12.04 6.28
C GLY A 7 5.42 -12.58 5.59
N TYR A 8 5.07 -12.02 4.43
CA TYR A 8 3.88 -12.49 3.73
C TYR A 8 3.99 -13.97 3.34
N GLN A 9 5.05 -14.33 2.62
CA GLN A 9 5.25 -15.71 2.23
C GLN A 9 5.58 -16.57 3.45
N GLU A 10 6.28 -15.98 4.41
CA GLU A 10 6.63 -16.69 5.63
C GLU A 10 5.37 -17.16 6.35
N PHE A 11 4.38 -16.28 6.39
CA PHE A 11 3.09 -16.58 7.03
C PHE A 11 2.37 -17.69 6.28
N LEU A 12 2.31 -17.55 4.95
CA LEU A 12 1.63 -18.53 4.12
C LEU A 12 2.31 -19.90 4.13
N ASP A 13 3.62 -19.93 4.35
CA ASP A 13 4.32 -21.22 4.41
C ASP A 13 4.14 -21.85 5.77
N GLU A 14 4.04 -21.01 6.80
CA GLU A 14 3.86 -21.49 8.17
C GLU A 14 2.48 -22.11 8.34
N PHE A 15 1.49 -21.53 7.68
CA PHE A 15 0.11 -22.01 7.75
C PHE A 15 -0.39 -22.38 6.36
N PRO A 16 -0.14 -23.62 5.93
CA PRO A 16 -0.57 -24.09 4.61
C PRO A 16 -2.04 -23.86 4.27
N GLU A 17 -2.92 -23.93 5.27
CA GLU A 17 -4.33 -23.71 5.01
C GLU A 17 -4.57 -22.24 4.65
N GLN A 18 -3.73 -21.37 5.19
CA GLN A 18 -3.86 -19.94 4.89
C GLN A 18 -3.44 -19.72 3.45
N ARG A 19 -2.42 -20.44 2.98
CA ARG A 19 -2.01 -20.29 1.59
C ARG A 19 -3.15 -20.75 0.68
N ASN A 20 -3.86 -21.81 1.07
CA ASN A 20 -4.97 -22.28 0.24
C ASN A 20 -6.08 -21.24 0.19
N LEU A 21 -6.36 -20.62 1.33
CA LEU A 21 -7.41 -19.60 1.39
C LEU A 21 -7.02 -18.37 0.58
N THR A 22 -5.75 -17.95 0.70
CA THR A 22 -5.28 -16.78 -0.03
C THR A 22 -5.32 -17.06 -1.54
N ASN A 23 -4.90 -18.26 -1.93
CA ASN A 23 -4.92 -18.58 -3.36
C ASN A 23 -6.35 -18.58 -3.86
N ALA A 24 -7.27 -19.06 -3.04
CA ALA A 24 -8.68 -19.11 -3.42
C ALA A 24 -9.26 -17.71 -3.61
N LEU A 25 -8.85 -16.77 -2.77
CA LEU A 25 -9.33 -15.41 -2.88
C LEU A 25 -8.75 -14.79 -4.15
N SER A 26 -7.47 -15.05 -4.39
CA SER A 26 -6.79 -14.52 -5.58
C SER A 26 -7.53 -14.96 -6.83
N GLU A 27 -7.96 -16.22 -6.86
CA GLU A 27 -8.69 -16.73 -8.02
C GLU A 27 -10.05 -16.06 -8.14
N ALA A 28 -10.71 -15.84 -7.00
CA ALA A 28 -12.01 -15.19 -7.00
C ALA A 28 -11.90 -13.74 -7.51
N VAL A 29 -10.81 -13.07 -7.15
CA VAL A 29 -10.58 -11.69 -7.57
C VAL A 29 -10.47 -11.56 -9.09
N ARG A 30 -9.77 -12.51 -9.72
CA ARG A 30 -9.58 -12.50 -11.17
C ARG A 30 -10.77 -13.04 -11.94
N ALA A 31 -11.50 -13.98 -11.34
CA ALA A 31 -12.67 -14.57 -11.99
C ALA A 31 -13.85 -13.60 -12.00
N GLN A 32 -14.82 -13.88 -12.86
CA GLN A 32 -16.01 -13.04 -12.97
C GLN A 32 -16.81 -13.06 -11.66
N PRO A 33 -17.51 -11.96 -11.35
CA PRO A 33 -18.33 -11.80 -10.15
C PRO A 33 -19.40 -12.85 -9.97
N VAL A 34 -19.39 -13.52 -8.83
CA VAL A 34 -20.38 -14.53 -8.49
C VAL A 34 -21.07 -13.93 -7.28
N PRO A 35 -22.22 -13.27 -7.49
CA PRO A 35 -23.03 -12.63 -6.45
C PRO A 35 -23.36 -13.41 -5.19
N LEU A 36 -23.58 -12.66 -4.11
CA LEU A 36 -23.93 -13.20 -2.79
C LEU A 36 -25.02 -14.26 -2.90
N SER A 37 -24.73 -15.45 -2.37
CA SER A 37 -25.69 -16.56 -2.42
C SER A 37 -26.75 -16.43 -1.33
N LYS A 38 -26.39 -15.78 -0.23
CA LYS A 38 -27.31 -15.59 0.88
C LYS A 38 -27.56 -14.11 1.18
N PRO A 39 -28.77 -13.62 0.86
CA PRO A 39 -29.13 -12.23 1.10
C PRO A 39 -29.23 -11.89 2.59
N THR A 40 -28.60 -10.78 2.99
CA THR A 40 -28.63 -10.34 4.37
C THR A 40 -29.90 -9.51 4.54
N GLN A 41 -30.62 -9.75 5.63
CA GLN A 41 -31.87 -9.04 5.88
C GLN A 41 -31.68 -7.58 6.28
N ARG A 42 -30.42 -7.21 6.54
CA ARG A 42 -30.07 -5.84 6.92
C ARG A 42 -28.90 -5.42 6.05
N PRO A 43 -28.94 -4.20 5.50
CA PRO A 43 -27.77 -3.83 4.70
C PRO A 43 -26.60 -3.79 5.68
N ILE A 44 -25.42 -4.24 5.26
CA ILE A 44 -24.27 -4.23 6.14
C ILE A 44 -23.74 -2.82 6.35
N LYS A 45 -23.22 -2.57 7.55
CA LYS A 45 -22.68 -1.26 7.89
C LYS A 45 -21.16 -1.31 7.80
N ILE A 46 -20.61 -0.45 6.97
CA ILE A 46 -19.16 -0.39 6.78
C ILE A 46 -18.64 1.00 7.12
N SER A 47 -17.56 1.04 7.91
CA SER A 47 -16.94 2.31 8.25
C SER A 47 -15.50 2.26 7.76
N VAL A 48 -15.07 3.33 7.10
CA VAL A 48 -13.71 3.43 6.59
C VAL A 48 -13.03 4.65 7.17
N VAL A 49 -11.78 4.48 7.60
CA VAL A 49 -10.97 5.58 8.12
C VAL A 49 -9.61 5.35 7.44
N TYR A 50 -9.35 6.15 6.41
CA TYR A 50 -8.14 6.05 5.61
C TYR A 50 -7.35 7.35 5.56
N PRO A 51 -6.01 7.26 5.45
CA PRO A 51 -5.18 8.48 5.38
C PRO A 51 -5.16 8.82 3.89
N GLY A 52 -6.34 8.81 3.30
CA GLY A 52 -6.52 9.04 1.89
C GLY A 52 -6.30 10.39 1.26
N GLN A 53 -6.13 11.43 2.08
CA GLN A 53 -5.91 12.78 1.55
C GLN A 53 -4.43 12.92 1.18
N GLN A 54 -4.12 12.57 -0.07
CA GLN A 54 -2.76 12.62 -0.60
C GLN A 54 -2.81 12.80 -2.12
N VAL A 55 -1.64 13.01 -2.71
CA VAL A 55 -1.56 13.11 -4.16
C VAL A 55 -1.78 11.68 -4.67
N SER A 56 -1.25 10.69 -3.94
CA SER A 56 -1.44 9.30 -4.31
C SER A 56 -2.93 9.00 -4.32
N ASP A 57 -3.38 8.31 -5.38
CA ASP A 57 -4.80 7.96 -5.50
C ASP A 57 -5.12 6.56 -5.03
N TYR A 58 -4.21 5.93 -4.28
CA TYR A 58 -4.43 4.58 -3.82
C TYR A 58 -5.72 4.37 -3.02
N TRP A 59 -5.90 5.21 -2.01
CA TRP A 59 -7.04 5.07 -1.12
C TRP A 59 -8.37 5.40 -1.79
N VAL A 60 -8.39 6.44 -2.62
CA VAL A 60 -9.61 6.82 -3.34
C VAL A 60 -10.00 5.70 -4.29
N ARG A 61 -9.04 5.20 -5.07
CA ARG A 61 -9.32 4.12 -6.02
C ARG A 61 -9.68 2.83 -5.30
N ASN A 62 -9.11 2.60 -4.12
CA ASN A 62 -9.43 1.40 -3.38
C ASN A 62 -10.92 1.37 -3.01
N ILE A 63 -11.46 2.49 -2.52
CA ILE A 63 -12.87 2.54 -2.16
C ILE A 63 -13.74 2.43 -3.40
N ALA A 64 -13.32 3.06 -4.49
CA ALA A 64 -14.09 3.00 -5.73
C ALA A 64 -14.20 1.56 -6.23
N SER A 65 -13.07 0.85 -6.30
CA SER A 65 -13.09 -0.54 -6.78
C SER A 65 -13.87 -1.41 -5.80
N PHE A 66 -13.68 -1.16 -4.50
CA PHE A 66 -14.36 -1.90 -3.44
C PHE A 66 -15.87 -1.77 -3.59
N GLU A 67 -16.37 -0.53 -3.69
CA GLU A 67 -17.81 -0.30 -3.82
C GLU A 67 -18.40 -0.90 -5.10
N LYS A 68 -17.65 -0.83 -6.20
CA LYS A 68 -18.14 -1.38 -7.45
C LYS A 68 -18.30 -2.89 -7.34
N ARG A 69 -17.34 -3.56 -6.71
CA ARG A 69 -17.41 -5.01 -6.55
C ARG A 69 -18.55 -5.39 -5.62
N LEU A 70 -18.78 -4.59 -4.58
CA LEU A 70 -19.88 -4.87 -3.65
C LEU A 70 -21.18 -4.81 -4.45
N TYR A 71 -21.25 -3.86 -5.37
CA TYR A 71 -22.42 -3.67 -6.22
C TYR A 71 -22.64 -4.87 -7.14
N LYS A 72 -21.57 -5.30 -7.80
CA LYS A 72 -21.64 -6.44 -8.72
C LYS A 72 -21.89 -7.75 -7.99
N LEU A 73 -21.64 -7.78 -6.68
CA LEU A 73 -21.86 -8.98 -5.89
C LEU A 73 -23.23 -8.96 -5.24
N ASN A 74 -23.98 -7.89 -5.49
CA ASN A 74 -25.33 -7.70 -4.96
C ASN A 74 -25.37 -7.66 -3.44
N ILE A 75 -24.41 -6.97 -2.84
CA ILE A 75 -24.35 -6.83 -1.39
C ILE A 75 -24.88 -5.46 -1.01
N ASN A 76 -25.97 -5.43 -0.24
CA ASN A 76 -26.56 -4.18 0.19
C ASN A 76 -25.72 -3.65 1.35
N TYR A 77 -25.25 -2.42 1.23
CA TYR A 77 -24.40 -1.84 2.27
C TYR A 77 -24.60 -0.35 2.48
N GLN A 78 -24.13 0.11 3.63
CA GLN A 78 -24.17 1.51 4.02
C GLN A 78 -22.72 1.79 4.38
N LEU A 79 -22.08 2.73 3.70
CA LEU A 79 -20.69 3.03 3.96
C LEU A 79 -20.42 4.45 4.43
N ASN A 80 -19.73 4.55 5.57
CA ASN A 80 -19.34 5.82 6.14
C ASN A 80 -17.84 5.94 5.88
N GLN A 81 -17.43 7.06 5.31
CA GLN A 81 -16.03 7.26 4.96
C GLN A 81 -15.41 8.51 5.56
N VAL A 82 -14.20 8.36 6.10
CA VAL A 82 -13.46 9.47 6.65
C VAL A 82 -12.04 9.37 6.09
N PHE A 83 -11.59 10.44 5.44
CA PHE A 83 -10.24 10.49 4.88
C PHE A 83 -9.44 11.56 5.60
N THR A 84 -8.24 11.18 6.04
CA THR A 84 -7.35 12.09 6.74
C THR A 84 -6.03 12.15 5.97
N ARG A 85 -5.12 13.00 6.43
CA ARG A 85 -3.81 13.12 5.80
C ARG A 85 -2.87 12.19 6.57
N PRO A 86 -1.93 11.54 5.87
CA PRO A 86 -1.02 10.65 6.59
C PRO A 86 -0.10 11.45 7.52
N ASN A 87 0.30 10.85 8.62
CA ASN A 87 1.19 11.52 9.58
C ASN A 87 0.55 12.77 10.18
N ALA A 88 -0.77 12.83 10.20
CA ALA A 88 -1.47 13.98 10.75
C ALA A 88 -2.91 13.63 11.08
N ASP A 89 -3.66 14.61 11.57
CA ASP A 89 -5.07 14.41 11.91
C ASP A 89 -5.22 13.28 12.92
N ILE A 90 -4.33 13.25 13.91
CA ILE A 90 -4.39 12.22 14.94
C ILE A 90 -5.71 12.24 15.70
N LYS A 91 -6.20 13.43 16.02
CA LYS A 91 -7.47 13.53 16.74
C LYS A 91 -8.61 12.97 15.91
N GLN A 92 -8.74 13.42 14.66
CA GLN A 92 -9.81 12.94 13.79
C GLN A 92 -9.76 11.42 13.65
N GLN A 93 -8.57 10.89 13.44
CA GLN A 93 -8.41 9.44 13.30
C GLN A 93 -8.97 8.75 14.54
N SER A 94 -8.57 9.24 15.71
CA SER A 94 -9.01 8.69 16.97
C SER A 94 -10.52 8.77 17.17
N LEU A 95 -11.08 9.96 16.92
CA LEU A 95 -12.50 10.18 17.08
C LEU A 95 -13.34 9.38 16.08
N SER A 96 -12.83 9.25 14.85
CA SER A 96 -13.55 8.51 13.83
C SER A 96 -13.54 7.00 14.10
N LEU A 97 -12.43 6.49 14.63
CA LEU A 97 -12.34 5.07 14.94
C LEU A 97 -13.30 4.71 16.06
N MET A 98 -13.37 5.56 17.08
CA MET A 98 -14.27 5.31 18.20
C MET A 98 -15.73 5.37 17.74
N GLU A 99 -16.02 6.34 16.87
CA GLU A 99 -17.38 6.50 16.35
C GLU A 99 -17.78 5.25 15.56
N ALA A 100 -16.80 4.64 14.89
CA ALA A 100 -17.05 3.45 14.10
C ALA A 100 -17.57 2.32 14.98
N LEU A 101 -17.00 2.19 16.17
CA LEU A 101 -17.41 1.16 17.11
C LEU A 101 -18.74 1.53 17.78
N LYS A 102 -18.92 2.83 18.01
CA LYS A 102 -20.14 3.31 18.64
C LYS A 102 -21.34 3.00 17.76
N SER A 103 -21.15 3.09 16.45
CA SER A 103 -22.21 2.83 15.50
C SER A 103 -22.39 1.34 15.23
N LYS A 104 -21.61 0.51 15.93
CA LYS A 104 -21.69 -0.95 15.77
C LYS A 104 -21.57 -1.39 14.33
N SER A 105 -20.52 -0.93 13.65
CA SER A 105 -20.30 -1.29 12.26
C SER A 105 -20.02 -2.79 12.16
N ASP A 106 -20.38 -3.37 11.01
CA ASP A 106 -20.15 -4.80 10.78
C ASP A 106 -18.71 -5.00 10.34
N TYR A 107 -18.20 -4.02 9.60
CA TYR A 107 -16.83 -4.06 9.13
C TYR A 107 -16.22 -2.67 9.30
N LEU A 108 -15.01 -2.65 9.87
CA LEU A 108 -14.28 -1.41 10.11
C LEU A 108 -13.00 -1.57 9.31
N ILE A 109 -12.76 -0.63 8.40
CA ILE A 109 -11.60 -0.68 7.54
C ILE A 109 -10.68 0.51 7.76
N PHE A 110 -9.41 0.22 8.08
CA PHE A 110 -8.44 1.28 8.30
C PHE A 110 -7.04 0.74 8.15
N THR A 111 -6.05 1.55 8.49
CA THR A 111 -4.67 1.12 8.32
C THR A 111 -3.85 1.35 9.57
N LEU A 112 -2.67 0.74 9.60
CA LEU A 112 -1.77 0.87 10.73
C LEU A 112 -0.34 1.07 10.25
N ASP A 113 0.29 2.14 10.70
CA ASP A 113 1.67 2.43 10.35
C ASP A 113 2.47 2.66 11.63
N THR A 114 1.77 2.99 12.70
CA THR A 114 2.38 3.21 14.00
C THR A 114 1.75 2.24 15.00
N THR A 115 2.21 2.29 16.24
CA THR A 115 1.70 1.42 17.29
C THR A 115 0.42 2.03 17.86
N ARG A 116 0.15 3.27 17.47
CA ARG A 116 -1.00 4.02 17.95
C ARG A 116 -2.35 3.31 18.13
N HIS A 117 -2.80 2.55 17.14
CA HIS A 117 -4.10 1.89 17.24
C HIS A 117 -4.10 0.39 17.54
N ARG A 118 -2.98 -0.14 18.01
CA ARG A 118 -2.89 -1.56 18.31
C ARG A 118 -3.85 -1.96 19.44
N LYS A 119 -3.86 -1.18 20.53
CA LYS A 119 -4.75 -1.49 21.64
C LYS A 119 -6.20 -1.37 21.21
N PHE A 120 -6.46 -0.45 20.28
CA PHE A 120 -7.81 -0.27 19.76
C PHE A 120 -8.20 -1.56 19.06
N VAL A 121 -7.29 -2.08 18.25
CA VAL A 121 -7.52 -3.32 17.51
C VAL A 121 -7.82 -4.45 18.48
N GLU A 122 -6.99 -4.56 19.51
CA GLU A 122 -7.17 -5.61 20.51
C GLU A 122 -8.56 -5.52 21.13
N HIS A 123 -9.03 -4.30 21.40
CA HIS A 123 -10.35 -4.11 21.98
C HIS A 123 -11.44 -4.63 21.06
N VAL A 124 -11.33 -4.32 19.77
CA VAL A 124 -12.31 -4.75 18.78
C VAL A 124 -12.34 -6.27 18.70
N LEU A 125 -11.16 -6.87 18.60
CA LEU A 125 -11.04 -8.32 18.50
C LEU A 125 -11.58 -9.08 19.71
N ASP A 126 -11.25 -8.61 20.91
CA ASP A 126 -11.68 -9.29 22.12
C ASP A 126 -13.11 -9.04 22.63
N SER A 127 -13.61 -7.82 22.47
CA SER A 127 -14.94 -7.53 23.01
C SER A 127 -16.05 -7.08 22.06
N THR A 128 -15.84 -7.13 20.76
CA THR A 128 -16.89 -6.69 19.85
C THR A 128 -17.15 -7.68 18.72
N ASN A 129 -18.22 -7.43 17.97
CA ASN A 129 -18.59 -8.29 16.85
C ASN A 129 -18.20 -7.62 15.53
N THR A 130 -17.45 -6.52 15.63
CA THR A 130 -17.00 -5.79 14.45
C THR A 130 -15.77 -6.44 13.85
N LYS A 131 -15.82 -6.78 12.57
CA LYS A 131 -14.68 -7.39 11.90
C LYS A 131 -13.76 -6.30 11.37
N LEU A 132 -12.45 -6.55 11.42
CA LEU A 132 -11.45 -5.56 10.99
C LEU A 132 -10.70 -5.91 9.72
N ILE A 133 -10.62 -4.93 8.83
CA ILE A 133 -9.87 -5.07 7.59
C ILE A 133 -8.76 -4.03 7.66
N LEU A 134 -7.52 -4.48 7.66
CA LEU A 134 -6.39 -3.57 7.72
C LEU A 134 -5.78 -3.42 6.35
N GLN A 135 -6.00 -2.25 5.76
CA GLN A 135 -5.50 -1.95 4.43
C GLN A 135 -4.05 -1.49 4.43
N ASN A 136 -3.34 -1.84 3.35
CA ASN A 136 -1.94 -1.46 3.14
C ASN A 136 -0.95 -2.16 4.07
N ILE A 137 -1.31 -3.35 4.53
CA ILE A 137 -0.45 -4.18 5.38
C ILE A 137 -0.72 -5.63 5.02
N THR A 138 0.34 -6.38 4.70
CA THR A 138 0.21 -7.78 4.31
C THR A 138 1.12 -8.66 5.16
N THR A 139 1.53 -8.13 6.30
CA THR A 139 2.44 -8.83 7.20
C THR A 139 1.79 -8.95 8.58
N PRO A 140 1.13 -10.08 8.86
CA PRO A 140 0.47 -10.28 10.16
C PRO A 140 1.32 -9.98 11.39
N VAL A 141 0.72 -9.31 12.35
CA VAL A 141 1.39 -8.95 13.60
C VAL A 141 1.48 -10.20 14.47
N ARG A 142 2.70 -10.62 14.80
CA ARG A 142 2.93 -11.82 15.60
C ARG A 142 2.21 -11.80 16.95
N GLU A 143 2.24 -10.67 17.65
CA GLU A 143 1.58 -10.62 18.96
C GLU A 143 0.09 -10.90 18.90
N TRP A 144 -0.49 -10.93 17.70
CA TRP A 144 -1.92 -11.21 17.58
C TRP A 144 -2.19 -12.62 17.01
N ASP A 145 -1.18 -13.49 17.05
CA ASP A 145 -1.33 -14.85 16.53
C ASP A 145 -2.52 -15.63 17.06
N LYS A 146 -2.94 -15.37 18.29
CA LYS A 146 -4.07 -16.10 18.87
C LYS A 146 -5.41 -15.61 18.35
N HIS A 147 -5.43 -14.38 17.82
CA HIS A 147 -6.64 -13.81 17.29
C HIS A 147 -6.25 -12.69 16.32
N GLN A 148 -6.09 -13.06 15.07
CA GLN A 148 -5.71 -12.12 14.01
C GLN A 148 -6.94 -11.42 13.42
N PRO A 149 -6.75 -10.20 12.91
CA PRO A 149 -7.85 -9.45 12.30
C PRO A 149 -8.50 -10.26 11.17
N PHE A 150 -9.72 -9.89 10.82
CA PHE A 150 -10.48 -10.54 9.75
C PHE A 150 -9.66 -10.58 8.46
N LEU A 151 -9.01 -9.46 8.13
CA LEU A 151 -8.22 -9.43 6.90
C LEU A 151 -7.14 -8.37 6.83
N TYR A 152 -5.94 -8.79 6.39
CA TYR A 152 -4.82 -7.87 6.17
C TYR A 152 -4.80 -7.87 4.64
N VAL A 153 -4.90 -6.69 4.04
CA VAL A 153 -4.91 -6.63 2.59
C VAL A 153 -4.08 -5.47 2.05
N GLY A 154 -3.43 -5.70 0.91
CA GLY A 154 -2.63 -4.66 0.29
C GLY A 154 -1.70 -5.22 -0.77
N PHE A 155 -0.65 -4.47 -1.08
CA PHE A 155 0.36 -4.89 -2.04
C PHE A 155 1.64 -4.92 -1.23
N ASP A 156 2.10 -6.13 -0.92
CA ASP A 156 3.27 -6.33 -0.08
C ASP A 156 4.45 -5.39 -0.31
N HIS A 157 4.76 -4.61 0.73
CA HIS A 157 5.84 -3.64 0.68
C HIS A 157 7.21 -4.25 0.43
N ALA A 158 7.50 -5.36 1.09
CA ALA A 158 8.79 -6.01 0.93
C ALA A 158 9.02 -6.46 -0.51
N GLU A 159 7.99 -7.08 -1.10
CA GLU A 159 8.07 -7.54 -2.48
C GLU A 159 8.30 -6.36 -3.43
N GLY A 160 7.48 -5.33 -3.31
CA GLY A 160 7.64 -4.17 -4.18
C GLY A 160 9.01 -3.55 -4.09
N SER A 161 9.52 -3.45 -2.85
CA SER A 161 10.82 -2.87 -2.61
C SER A 161 11.93 -3.80 -3.10
N ARG A 162 11.71 -5.11 -3.04
CA ARG A 162 12.72 -6.03 -3.53
C ARG A 162 12.81 -5.91 -5.05
N GLU A 163 11.66 -5.74 -5.69
CA GLU A 163 11.64 -5.61 -7.15
C GLU A 163 12.39 -4.34 -7.55
N LEU A 164 12.17 -3.26 -6.84
CA LEU A 164 12.89 -2.03 -7.16
C LEU A 164 14.38 -2.18 -6.92
N ALA A 165 14.74 -2.85 -5.82
CA ALA A 165 16.14 -3.05 -5.48
C ALA A 165 16.86 -3.86 -6.56
N THR A 166 16.17 -4.86 -7.09
CA THR A 166 16.77 -5.69 -8.13
C THR A 166 17.03 -4.84 -9.37
N GLU A 167 16.09 -3.97 -9.68
CA GLU A 167 16.23 -3.10 -10.85
C GLU A 167 17.41 -2.14 -10.69
N PHE A 168 17.48 -1.41 -9.59
CA PHE A 168 18.60 -0.50 -9.39
C PHE A 168 19.91 -1.28 -9.37
N GLY A 169 19.86 -2.51 -8.88
CA GLY A 169 21.04 -3.34 -8.82
C GLY A 169 21.59 -3.63 -10.20
N LYS A 170 20.72 -3.66 -11.20
CA LYS A 170 21.12 -3.92 -12.57
C LYS A 170 21.45 -2.65 -13.34
N PHE A 171 20.99 -1.51 -12.83
CA PHE A 171 21.23 -0.22 -13.47
C PHE A 171 22.55 0.41 -13.07
N PHE A 172 23.01 0.14 -11.86
CA PHE A 172 24.26 0.72 -11.37
C PHE A 172 25.29 -0.31 -10.93
N PRO A 173 26.58 0.07 -10.99
CA PRO A 173 27.70 -0.80 -10.60
C PRO A 173 27.87 -0.89 -9.09
N LYS A 174 28.67 -1.86 -8.64
CA LYS A 174 28.91 -2.03 -7.21
C LYS A 174 29.44 -0.73 -6.59
N HIS A 175 29.09 -0.51 -5.32
CA HIS A 175 29.53 0.68 -4.59
C HIS A 175 28.94 2.00 -5.05
N THR A 176 27.83 1.95 -5.79
CA THR A 176 27.18 3.17 -6.25
C THR A 176 26.65 3.95 -5.04
N TYR A 177 26.83 5.26 -5.06
CA TYR A 177 26.36 6.14 -3.98
C TYR A 177 24.89 6.48 -4.16
N TYR A 178 24.13 6.42 -3.07
CA TYR A 178 22.71 6.74 -3.14
C TYR A 178 22.21 7.28 -1.82
N SER A 179 21.01 7.85 -1.85
CA SER A 179 20.39 8.38 -0.64
C SER A 179 18.94 7.92 -0.64
N VAL A 180 18.34 7.89 0.55
CA VAL A 180 16.97 7.45 0.70
C VAL A 180 16.06 8.48 1.34
N LEU A 181 14.83 8.55 0.84
CA LEU A 181 13.82 9.45 1.40
C LEU A 181 12.77 8.50 1.97
N TYR A 182 12.71 8.42 3.29
CA TYR A 182 11.76 7.56 3.97
C TYR A 182 10.37 8.21 3.99
N PHE A 183 9.44 7.47 4.55
CA PHE A 183 8.06 7.94 4.74
C PHE A 183 8.23 8.59 6.13
N SER A 184 7.15 8.79 6.86
CA SER A 184 7.29 9.32 8.20
C SER A 184 7.79 8.09 8.99
N GLU A 185 8.25 8.29 10.22
CA GLU A 185 8.75 7.15 10.98
C GLU A 185 7.64 6.12 11.22
N GLY A 186 7.96 4.86 10.98
CA GLY A 186 6.97 3.82 11.17
C GLY A 186 7.14 2.58 10.30
N TYR A 187 6.06 1.84 10.15
CA TYR A 187 6.02 0.60 9.38
C TYR A 187 6.39 0.76 7.90
N ILE A 188 5.76 1.71 7.21
CA ILE A 188 6.04 1.92 5.80
C ILE A 188 7.54 2.17 5.56
N SER A 189 8.12 3.03 6.37
CA SER A 189 9.54 3.34 6.25
C SER A 189 10.38 2.10 6.53
N ASP A 190 9.99 1.33 7.54
CA ASP A 190 10.74 0.13 7.88
C ASP A 190 10.70 -0.93 6.77
N VAL A 191 9.50 -1.28 6.30
CA VAL A 191 9.37 -2.30 5.27
C VAL A 191 9.64 -1.90 3.82
N ARG A 192 9.56 -0.61 3.51
CA ARG A 192 9.86 -0.18 2.14
C ARG A 192 11.29 0.34 2.06
N GLY A 193 11.71 1.06 3.10
CA GLY A 193 13.04 1.62 3.10
C GLY A 193 14.16 0.70 3.52
N ASP A 194 14.04 0.10 4.69
CA ASP A 194 15.09 -0.77 5.16
C ASP A 194 15.24 -2.05 4.36
N THR A 195 14.16 -2.49 3.71
CA THR A 195 14.22 -3.69 2.88
C THR A 195 15.11 -3.38 1.67
N PHE A 196 14.88 -2.22 1.07
CA PHE A 196 15.64 -1.80 -0.10
C PHE A 196 17.11 -1.62 0.24
N ILE A 197 17.37 -0.88 1.30
CA ILE A 197 18.74 -0.63 1.76
C ILE A 197 19.48 -1.93 2.05
N HIS A 198 18.83 -2.84 2.76
CA HIS A 198 19.45 -4.12 3.10
C HIS A 198 19.87 -4.92 1.86
N GLN A 199 18.96 -5.06 0.90
CA GLN A 199 19.26 -5.84 -0.30
C GLN A 199 20.35 -5.19 -1.15
N VAL A 200 20.20 -3.90 -1.39
CA VAL A 200 21.16 -3.14 -2.18
C VAL A 200 22.57 -3.15 -1.59
N ASN A 201 22.66 -3.05 -0.27
CA ASN A 201 23.96 -3.05 0.41
C ASN A 201 24.56 -4.46 0.42
N ARG A 202 23.71 -5.46 0.60
CA ARG A 202 24.14 -6.86 0.67
C ARG A 202 24.44 -7.51 -0.68
N ASP A 203 23.71 -7.11 -1.72
CA ASP A 203 23.92 -7.69 -3.05
C ASP A 203 24.77 -6.90 -4.02
N ASN A 204 24.83 -5.58 -3.86
CA ASN A 204 25.60 -4.76 -4.78
C ASN A 204 26.56 -3.81 -4.05
N ASN A 205 26.68 -3.98 -2.74
CA ASN A 205 27.56 -3.14 -1.94
C ASN A 205 27.36 -1.66 -2.22
N PHE A 206 26.13 -1.24 -2.50
CA PHE A 206 25.87 0.18 -2.73
C PHE A 206 26.20 0.91 -1.44
N GLU A 207 26.54 2.18 -1.55
CA GLU A 207 26.93 2.98 -0.37
C GLU A 207 25.89 4.04 -0.02
N LEU A 208 25.13 3.81 1.04
CA LEU A 208 24.11 4.76 1.48
C LEU A 208 24.77 6.01 2.04
N GLN A 209 24.44 7.16 1.46
CA GLN A 209 25.02 8.43 1.88
C GLN A 209 24.19 9.18 2.91
N SER A 210 22.88 8.97 2.86
CA SER A 210 21.96 9.61 3.79
C SER A 210 20.58 8.99 3.66
N ALA A 211 19.79 9.07 4.72
CA ALA A 211 18.43 8.53 4.74
C ALA A 211 17.60 9.46 5.62
N TYR A 212 16.72 10.24 4.98
CA TYR A 212 15.90 11.21 5.68
C TYR A 212 14.44 10.80 5.88
N TYR A 213 13.94 10.96 7.10
CA TYR A 213 12.53 10.67 7.35
C TYR A 213 11.81 11.93 6.89
N THR A 214 10.56 11.77 6.44
CA THR A 214 9.78 12.89 5.95
C THR A 214 8.46 12.99 6.69
N LYS A 215 7.63 13.95 6.27
CA LYS A 215 6.31 14.12 6.85
C LYS A 215 5.25 13.48 5.94
N ALA A 216 5.72 12.63 5.03
CA ALA A 216 4.87 11.89 4.10
C ALA A 216 4.14 12.73 3.05
N THR A 217 4.54 13.98 2.89
CA THR A 217 3.93 14.89 1.93
C THR A 217 4.89 15.26 0.81
N LYS A 218 4.35 15.83 -0.26
CA LYS A 218 5.18 16.25 -1.38
C LYS A 218 6.13 17.37 -0.97
N GLN A 219 5.64 18.33 -0.21
CA GLN A 219 6.48 19.44 0.24
C GLN A 219 7.65 18.91 1.05
N SER A 220 7.36 17.94 1.92
CA SER A 220 8.41 17.34 2.75
C SER A 220 9.42 16.57 1.91
N GLY A 221 8.96 15.90 0.86
CA GLY A 221 9.88 15.17 0.00
C GLY A 221 10.81 16.14 -0.70
N TYR A 222 10.26 17.26 -1.13
CA TYR A 222 11.00 18.31 -1.79
C TYR A 222 12.06 18.85 -0.82
N ASP A 223 11.62 19.25 0.37
CA ASP A 223 12.54 19.79 1.37
C ASP A 223 13.66 18.81 1.72
N ALA A 224 13.30 17.55 1.92
CA ALA A 224 14.27 16.52 2.27
C ALA A 224 15.28 16.23 1.16
N ALA A 225 14.80 16.23 -0.08
CA ALA A 225 15.67 15.98 -1.22
C ALA A 225 16.72 17.08 -1.33
N LYS A 226 16.28 18.33 -1.14
CA LYS A 226 17.18 19.47 -1.22
C LYS A 226 18.22 19.42 -0.12
N ALA A 227 17.79 19.07 1.08
CA ALA A 227 18.69 18.99 2.22
C ALA A 227 19.71 17.88 1.96
N SER A 228 19.22 16.72 1.52
CA SER A 228 20.08 15.59 1.27
C SER A 228 21.13 15.88 0.21
N LEU A 229 20.71 16.50 -0.90
CA LEU A 229 21.62 16.82 -1.98
C LEU A 229 22.60 17.93 -1.63
N ALA A 230 22.23 18.78 -0.67
CA ALA A 230 23.11 19.88 -0.26
C ALA A 230 24.32 19.31 0.46
N LYS A 231 24.09 18.26 1.26
CA LYS A 231 25.16 17.63 2.02
C LYS A 231 25.79 16.44 1.30
N HIS A 232 25.07 15.86 0.34
CA HIS A 232 25.58 14.69 -0.40
C HIS A 232 25.20 14.77 -1.87
N PRO A 233 25.83 15.70 -2.62
CA PRO A 233 25.54 15.86 -4.04
C PRO A 233 26.08 14.72 -4.93
N ASP A 234 27.01 13.94 -4.39
CA ASP A 234 27.61 12.85 -5.16
C ASP A 234 26.83 11.53 -5.07
N VAL A 235 25.57 11.57 -5.46
CA VAL A 235 24.75 10.37 -5.46
C VAL A 235 24.25 10.14 -6.88
N ASP A 236 24.03 8.88 -7.24
CA ASP A 236 23.56 8.58 -8.58
C ASP A 236 22.06 8.33 -8.63
N PHE A 237 21.47 8.08 -7.47
CA PHE A 237 20.04 7.88 -7.40
C PHE A 237 19.51 8.09 -6.00
N ILE A 238 18.22 8.34 -5.92
CA ILE A 238 17.52 8.53 -4.67
C ILE A 238 16.35 7.56 -4.66
N TYR A 239 16.25 6.77 -3.60
CA TYR A 239 15.16 5.81 -3.44
C TYR A 239 14.13 6.46 -2.54
N ALA A 240 12.91 6.61 -3.07
CA ALA A 240 11.81 7.20 -2.30
C ALA A 240 10.86 6.10 -1.86
N CYS A 241 10.35 6.23 -0.64
CA CYS A 241 9.45 5.22 -0.08
C CYS A 241 7.95 5.44 -0.31
N SER A 242 7.58 6.51 -0.99
CA SER A 242 6.15 6.76 -1.22
C SER A 242 5.93 7.76 -2.36
N THR A 243 4.72 7.70 -2.91
CA THR A 243 4.32 8.55 -4.02
C THR A 243 4.52 10.05 -3.83
N ASP A 244 3.84 10.63 -2.86
CA ASP A 244 3.93 12.08 -2.65
C ASP A 244 5.36 12.54 -2.44
N VAL A 245 6.11 11.76 -1.66
CA VAL A 245 7.49 12.11 -1.38
C VAL A 245 8.34 12.09 -2.65
N ALA A 246 8.17 11.05 -3.48
CA ALA A 246 8.93 10.97 -4.72
C ALA A 246 8.62 12.13 -5.66
N LEU A 247 7.35 12.52 -5.74
CA LEU A 247 6.98 13.62 -6.62
C LEU A 247 7.58 14.93 -6.13
N GLY A 248 7.76 15.05 -4.82
CA GLY A 248 8.37 16.25 -4.26
C GLY A 248 9.85 16.24 -4.62
N ALA A 249 10.46 15.06 -4.55
CA ALA A 249 11.87 14.93 -4.89
C ALA A 249 12.08 15.30 -6.36
N VAL A 250 11.14 14.91 -7.22
CA VAL A 250 11.23 15.25 -8.63
C VAL A 250 11.39 16.76 -8.80
N ASP A 251 10.53 17.52 -8.14
CA ASP A 251 10.59 18.98 -8.21
C ASP A 251 11.95 19.50 -7.74
N ALA A 252 12.50 18.88 -6.69
CA ALA A 252 13.79 19.29 -6.17
C ALA A 252 14.88 19.08 -7.20
N LEU A 253 14.89 17.90 -7.83
CA LEU A 253 15.90 17.58 -8.83
C LEU A 253 15.84 18.57 -10.00
N ALA A 254 14.62 18.96 -10.37
CA ALA A 254 14.42 19.90 -11.47
C ALA A 254 15.00 21.26 -11.11
N GLU A 255 14.71 21.73 -9.89
CA GLU A 255 15.19 23.01 -9.43
C GLU A 255 16.72 23.05 -9.35
N LEU A 256 17.31 21.96 -8.86
CA LEU A 256 18.76 21.87 -8.72
C LEU A 256 19.46 21.50 -10.02
N GLY A 257 18.68 21.24 -11.06
CA GLY A 257 19.26 20.85 -12.34
C GLY A 257 20.02 19.55 -12.24
N ARG A 258 19.51 18.62 -11.43
CA ARG A 258 20.15 17.32 -11.27
C ARG A 258 19.30 16.19 -11.84
N GLU A 259 18.82 16.37 -13.07
CA GLU A 259 18.00 15.36 -13.73
C GLU A 259 18.77 14.06 -13.94
N ASP A 260 20.09 14.12 -13.76
CA ASP A 260 20.94 12.94 -13.93
C ASP A 260 20.67 11.90 -12.85
N ILE A 261 20.21 12.36 -11.70
CA ILE A 261 19.92 11.48 -10.58
C ILE A 261 18.61 10.72 -10.81
N MET A 262 18.67 9.40 -10.75
CA MET A 262 17.51 8.56 -10.94
C MET A 262 16.64 8.61 -9.69
N ILE A 263 15.33 8.60 -9.89
CA ILE A 263 14.35 8.65 -8.80
C ILE A 263 13.20 7.69 -9.12
N ASN A 264 12.71 6.98 -8.12
CA ASN A 264 11.62 6.04 -8.31
C ASN A 264 10.33 6.52 -7.66
N GLY A 265 9.23 5.94 -8.11
CA GLY A 265 7.93 6.20 -7.52
C GLY A 265 7.68 4.91 -6.73
N TRP A 266 6.56 4.83 -6.04
CA TRP A 266 6.24 3.62 -5.28
C TRP A 266 4.73 3.45 -5.29
N GLY A 267 4.22 2.63 -6.20
CA GLY A 267 2.78 2.43 -6.25
C GLY A 267 2.19 2.45 -7.65
N GLY A 268 2.63 3.40 -8.47
CA GLY A 268 2.12 3.47 -9.83
C GLY A 268 0.72 3.98 -10.03
N GLY A 269 0.31 4.98 -9.25
CA GLY A 269 -0.99 5.58 -9.40
C GLY A 269 -0.96 6.55 -10.58
N SER A 270 -2.09 7.19 -10.87
CA SER A 270 -2.18 8.11 -12.00
C SER A 270 -1.15 9.22 -12.04
N ALA A 271 -0.88 9.86 -10.90
CA ALA A 271 0.12 10.93 -10.89
C ALA A 271 1.50 10.38 -11.22
N GLU A 272 1.82 9.20 -10.67
CA GLU A 272 3.12 8.60 -10.97
C GLU A 272 3.26 8.22 -12.44
N LEU A 273 2.21 7.62 -13.00
CA LEU A 273 2.26 7.22 -14.40
C LEU A 273 2.42 8.42 -15.33
N ASP A 274 1.76 9.52 -14.99
CA ASP A 274 1.91 10.73 -15.80
C ASP A 274 3.36 11.19 -15.73
N ALA A 275 3.94 11.13 -14.54
CA ALA A 275 5.34 11.55 -14.36
C ALA A 275 6.29 10.61 -15.12
N ILE A 276 5.94 9.32 -15.15
CA ILE A 276 6.74 8.32 -15.85
C ILE A 276 6.76 8.64 -17.35
N GLN A 277 5.58 8.86 -17.91
CA GLN A 277 5.47 9.16 -19.33
C GLN A 277 6.10 10.50 -19.70
N LYS A 278 6.21 11.37 -18.71
CA LYS A 278 6.82 12.70 -18.88
C LYS A 278 8.34 12.55 -18.80
N GLY A 279 8.80 11.51 -18.11
CA GLY A 279 10.22 11.29 -17.95
C GLY A 279 10.73 11.86 -16.63
N ASP A 280 9.83 12.40 -15.82
CA ASP A 280 10.19 12.98 -14.54
C ASP A 280 10.48 11.90 -13.50
N LEU A 281 9.78 10.78 -13.62
CA LEU A 281 9.99 9.65 -12.73
C LEU A 281 10.65 8.60 -13.62
N ASP A 282 11.73 7.99 -13.13
CA ASP A 282 12.46 7.01 -13.95
C ASP A 282 11.89 5.62 -13.91
N ILE A 283 11.40 5.22 -12.75
CA ILE A 283 10.86 3.89 -12.58
C ILE A 283 9.94 3.88 -11.39
N THR A 284 9.08 2.88 -11.32
CA THR A 284 8.20 2.71 -10.18
C THR A 284 7.69 1.29 -10.18
N VAL A 285 7.24 0.84 -9.02
CA VAL A 285 6.67 -0.49 -8.93
C VAL A 285 5.18 -0.19 -8.94
N MET A 286 4.51 -0.67 -9.97
CA MET A 286 3.10 -0.40 -10.14
C MET A 286 2.23 -1.54 -9.64
N ARG A 287 1.36 -1.25 -8.68
CA ARG A 287 0.49 -2.31 -8.22
C ARG A 287 -0.76 -2.43 -9.09
N MET A 288 -1.29 -3.64 -9.23
CA MET A 288 -2.49 -3.86 -10.02
C MET A 288 -3.62 -3.47 -9.08
N ASN A 289 -3.61 -2.18 -8.80
CA ASN A 289 -4.48 -1.48 -7.88
C ASN A 289 -5.83 -2.01 -7.42
N ASP A 290 -6.78 -2.09 -8.35
CA ASP A 290 -8.12 -2.51 -7.98
C ASP A 290 -8.26 -3.90 -7.36
N ASP A 291 -7.26 -4.75 -7.54
CA ASP A 291 -7.36 -6.10 -6.97
C ASP A 291 -7.60 -6.11 -5.46
N THR A 292 -7.03 -5.17 -4.73
CA THR A 292 -7.27 -5.18 -3.28
C THR A 292 -8.68 -4.73 -2.93
N GLY A 293 -9.21 -3.73 -3.63
CA GLY A 293 -10.56 -3.29 -3.35
C GLY A 293 -11.51 -4.44 -3.62
N ILE A 294 -11.26 -5.15 -4.73
CA ILE A 294 -12.09 -6.28 -5.12
C ILE A 294 -11.96 -7.43 -4.12
N ALA A 295 -10.75 -7.67 -3.63
CA ALA A 295 -10.52 -8.73 -2.65
C ALA A 295 -11.33 -8.48 -1.38
N MET A 296 -11.45 -7.23 -0.99
CA MET A 296 -12.18 -6.89 0.24
C MET A 296 -13.67 -7.17 0.11
N ALA A 297 -14.21 -6.91 -1.07
CA ALA A 297 -15.63 -7.17 -1.33
C ALA A 297 -15.85 -8.68 -1.34
N GLU A 298 -14.91 -9.43 -1.92
CA GLU A 298 -15.04 -10.87 -2.00
C GLU A 298 -14.92 -11.50 -0.62
N ALA A 299 -14.03 -10.94 0.22
CA ALA A 299 -13.85 -11.46 1.57
C ALA A 299 -15.12 -11.26 2.38
N ILE A 300 -15.73 -10.09 2.22
CA ILE A 300 -16.96 -9.79 2.94
C ILE A 300 -18.06 -10.74 2.45
N LYS A 301 -18.08 -11.01 1.14
CA LYS A 301 -19.06 -11.91 0.57
C LYS A 301 -18.94 -13.29 1.21
N TRP A 302 -17.72 -13.82 1.25
CA TRP A 302 -17.50 -15.13 1.85
C TRP A 302 -17.92 -15.14 3.31
N ASP A 303 -17.66 -14.06 4.02
CA ASP A 303 -18.02 -13.96 5.43
C ASP A 303 -19.54 -14.03 5.58
N LEU A 304 -20.25 -13.35 4.69
CA LEU A 304 -21.71 -13.34 4.73
C LEU A 304 -22.26 -14.70 4.36
N GLU A 305 -21.44 -15.50 3.67
CA GLU A 305 -21.84 -16.85 3.27
C GLU A 305 -21.25 -17.87 4.25
N ASP A 306 -20.72 -17.36 5.37
CA ASP A 306 -20.13 -18.21 6.42
C ASP A 306 -19.03 -19.13 5.91
N LYS A 307 -18.23 -18.62 4.98
CA LYS A 307 -17.11 -19.36 4.41
C LYS A 307 -15.83 -18.84 5.05
N PRO A 308 -14.79 -19.68 5.11
CA PRO A 308 -13.54 -19.23 5.71
C PRO A 308 -12.87 -18.15 4.85
N VAL A 309 -12.28 -17.16 5.50
CA VAL A 309 -11.60 -16.07 4.80
C VAL A 309 -10.13 -16.03 5.18
N PRO A 310 -9.23 -15.90 4.19
CA PRO A 310 -7.80 -15.85 4.51
C PRO A 310 -7.44 -14.65 5.38
N THR A 311 -6.45 -14.83 6.24
CA THR A 311 -6.01 -13.75 7.11
C THR A 311 -5.29 -12.68 6.29
N VAL A 312 -4.67 -13.08 5.19
CA VAL A 312 -3.96 -12.10 4.39
C VAL A 312 -4.12 -12.25 2.87
N TYR A 313 -3.94 -11.13 2.18
CA TYR A 313 -4.02 -11.11 0.72
C TYR A 313 -3.18 -9.97 0.16
N SER A 314 -2.25 -10.30 -0.73
CA SER A 314 -1.41 -9.30 -1.38
C SER A 314 -1.63 -9.35 -2.88
N GLY A 315 -1.82 -8.17 -3.48
CA GLY A 315 -2.01 -8.10 -4.92
C GLY A 315 -0.63 -8.13 -5.55
N ASP A 316 -0.57 -8.12 -6.88
CA ASP A 316 0.71 -8.16 -7.56
C ASP A 316 1.17 -6.82 -8.14
N PHE A 317 2.45 -6.80 -8.50
CA PHE A 317 3.11 -5.62 -9.07
C PHE A 317 3.66 -5.85 -10.47
N GLU A 318 4.00 -4.73 -11.11
CA GLU A 318 4.60 -4.72 -12.42
C GLU A 318 5.58 -3.54 -12.40
N ILE A 319 6.83 -3.80 -12.79
CA ILE A 319 7.82 -2.73 -12.83
C ILE A 319 7.54 -1.89 -14.06
N VAL A 320 7.59 -0.57 -13.90
CA VAL A 320 7.33 0.35 -15.00
C VAL A 320 8.46 1.37 -15.06
N THR A 321 8.95 1.64 -16.27
CA THR A 321 10.03 2.61 -16.42
C THR A 321 9.66 3.64 -17.46
N LYS A 322 10.44 4.71 -17.54
CA LYS A 322 10.17 5.77 -18.51
C LYS A 322 10.44 5.30 -19.94
N ALA A 323 11.10 4.16 -20.07
CA ALA A 323 11.43 3.60 -21.38
C ALA A 323 10.30 2.74 -21.90
N ASP A 324 9.30 2.47 -21.07
CA ASP A 324 8.17 1.65 -21.50
C ASP A 324 7.33 2.37 -22.55
N SER A 325 6.82 1.59 -23.49
CA SER A 325 6.01 2.14 -24.56
C SER A 325 4.64 2.53 -24.03
N PRO A 326 3.94 3.46 -24.71
CA PRO A 326 2.61 3.87 -24.27
C PRO A 326 1.62 2.72 -24.29
N GLU A 327 1.89 1.71 -25.12
CA GLU A 327 1.00 0.56 -25.20
C GLU A 327 1.16 -0.27 -23.92
N ARG A 328 2.40 -0.38 -23.44
CA ARG A 328 2.65 -1.15 -22.22
C ARG A 328 1.98 -0.45 -21.04
N ILE A 329 2.03 0.88 -21.02
CA ILE A 329 1.42 1.66 -19.95
C ILE A 329 -0.09 1.55 -19.99
N GLU A 330 -0.65 1.68 -21.19
CA GLU A 330 -2.09 1.60 -21.35
C GLU A 330 -2.59 0.20 -20.97
N ALA A 331 -1.83 -0.82 -21.34
CA ALA A 331 -2.20 -2.19 -21.03
C ALA A 331 -2.22 -2.39 -19.52
N LEU A 332 -1.25 -1.80 -18.81
CA LEU A 332 -1.19 -1.93 -17.36
C LEU A 332 -2.34 -1.18 -16.69
N LYS A 333 -2.70 -0.02 -17.22
CA LYS A 333 -3.81 0.76 -16.64
C LYS A 333 -5.12 0.00 -16.81
N LYS A 334 -5.22 -0.74 -17.90
CA LYS A 334 -6.42 -1.50 -18.17
C LYS A 334 -6.61 -2.57 -17.11
N ARG A 335 -5.49 -3.15 -16.68
CA ARG A 335 -5.49 -4.19 -15.65
C ARG A 335 -5.67 -3.59 -14.25
N ALA A 336 -4.84 -2.60 -13.93
CA ALA A 336 -4.85 -1.95 -12.62
C ALA A 336 -6.10 -1.16 -12.23
N PHE A 337 -6.66 -0.40 -13.16
CA PHE A 337 -7.84 0.41 -12.85
C PHE A 337 -9.11 -0.05 -13.56
N ARG A 338 -9.23 -1.35 -13.77
CA ARG A 338 -10.41 -1.89 -14.45
C ARG A 338 -11.73 -1.41 -13.84
N TYR A 339 -11.74 -1.19 -12.54
CA TYR A 339 -12.94 -0.74 -11.83
C TYR A 339 -12.94 0.74 -11.45
N SER A 340 -11.80 1.24 -10.97
CA SER A 340 -11.69 2.62 -10.54
C SER A 340 -11.60 3.64 -11.67
N ASP A 341 -11.31 3.16 -12.88
CA ASP A 341 -11.21 3.98 -14.08
C ASP A 341 -9.84 4.63 -14.30
#